data_4UUO
#
_entry.id   4UUO
#
_cell.length_a   155.000
_cell.length_b   155.000
_cell.length_c   155.000
_cell.angle_alpha   90.00
_cell.angle_beta   90.00
_cell.angle_gamma   90.00
#
_symmetry.space_group_name_H-M   'I 21 3'
#
loop_
_entity.id
_entity.type
_entity.pdbx_description
1 polymer 'CYTOSOLIC MALATE DEHYDROGENASE'
2 water water
#
_entity_poly.entity_id   1
_entity_poly.type   'polypeptide(L)'
_entity_poly.pdbx_seq_one_letter_code
;MEPIHILITGAAGQIGYALTFRIAKGDLCGDRKVVLHLLEIPFGMKALEGCVMELQDCAFPNVAGIVWTDKVEEAFKGVD
VAFLVGSFPRKDGMDRSDLLAKNGGIFTVQGKALNDYAKPTVKVLVVGNPANTNCLIAQASAPKLQNKNWCAMTRLDHNR
MVGALAAKFGVTPEKIHKVCIWGNHSNTQVPDTTHATVDLPEGTVKVADKLPKEYLEGEFAQMIATRGGAVIKMRGASSA
ASAANAALTCVKDWLYGTAEGDFVSMAIPVPDNEPYGIKQGTIFSFPVTVSKDGEVHVVEGLELNDWVKGRLEATEKELI
GEKETAWKVLGLLEHHHHHH
;
_entity_poly.pdbx_strand_id   A
#
# COMPACT_ATOMS: atom_id res chain seq x y z
N GLU A 2 23.94 9.94 -5.66
CA GLU A 2 22.64 10.57 -5.90
C GLU A 2 21.55 9.69 -6.57
N PRO A 3 21.92 8.58 -7.25
CA PRO A 3 20.77 7.79 -7.73
C PRO A 3 20.02 7.14 -6.56
N ILE A 4 18.70 6.98 -6.71
CA ILE A 4 17.89 6.47 -5.61
C ILE A 4 17.73 4.95 -5.65
N HIS A 5 17.89 4.33 -4.49
CA HIS A 5 17.83 2.88 -4.37
C HIS A 5 16.45 2.43 -3.94
N ILE A 6 15.78 1.74 -4.86
CA ILE A 6 14.39 1.37 -4.69
C ILE A 6 14.23 -0.15 -4.72
N LEU A 7 13.66 -0.70 -3.67
CA LEU A 7 13.52 -2.15 -3.52
C LEU A 7 12.13 -2.64 -3.86
N ILE A 8 12.06 -3.71 -4.63
CA ILE A 8 10.80 -4.42 -4.83
C ILE A 8 10.97 -5.88 -4.46
N THR A 9 10.20 -6.30 -3.46
CA THR A 9 10.15 -7.70 -3.07
C THR A 9 9.14 -8.43 -3.96
N GLY A 10 9.28 -9.74 -4.07
CA GLY A 10 8.44 -10.54 -4.94
C GLY A 10 8.49 -10.01 -6.36
N ALA A 11 9.67 -9.57 -6.77
CA ALA A 11 9.86 -8.80 -8.00
C ALA A 11 9.52 -9.53 -9.30
N ALA A 12 9.58 -10.86 -9.30
CA ALA A 12 9.33 -11.62 -10.53
C ALA A 12 7.84 -11.98 -10.69
N GLY A 13 7.05 -11.67 -9.68
CA GLY A 13 5.62 -11.85 -9.72
C GLY A 13 4.96 -10.81 -10.60
N GLN A 14 3.63 -10.92 -10.75
N GLN A 14 3.64 -10.91 -10.77
CA GLN A 14 2.90 -10.05 -11.66
CA GLN A 14 2.94 -10.02 -11.69
C GLN A 14 2.94 -8.58 -11.25
C GLN A 14 2.98 -8.57 -11.24
N ILE A 15 2.68 -8.31 -9.98
CA ILE A 15 2.70 -6.94 -9.47
C ILE A 15 4.09 -6.32 -9.53
N GLY A 16 5.08 -7.01 -8.96
CA GLY A 16 6.46 -6.55 -9.00
C GLY A 16 6.96 -6.32 -10.41
N TYR A 17 6.60 -7.22 -11.33
CA TYR A 17 7.00 -7.14 -12.73
C TYR A 17 6.42 -5.90 -13.42
N ALA A 18 5.21 -5.51 -13.03
CA ALA A 18 4.53 -4.36 -13.61
C ALA A 18 5.12 -3.06 -13.06
N LEU A 19 5.65 -3.16 -11.85
CA LEU A 19 6.16 -2.00 -11.13
C LEU A 19 7.62 -1.72 -11.45
N THR A 20 8.41 -2.77 -11.68
CA THR A 20 9.83 -2.61 -11.95
C THR A 20 10.07 -1.69 -13.13
N PHE A 21 9.31 -1.91 -14.20
CA PHE A 21 9.56 -1.23 -15.45
C PHE A 21 9.06 0.22 -15.45
N ARG A 22 8.04 0.50 -14.64
CA ARG A 22 7.59 1.87 -14.48
C ARG A 22 8.62 2.67 -13.69
N ILE A 23 9.12 2.10 -12.60
CA ILE A 23 10.12 2.75 -11.77
C ILE A 23 11.40 2.96 -12.56
N ALA A 24 11.77 1.95 -13.34
CA ALA A 24 12.98 1.97 -14.15
C ALA A 24 12.91 3.00 -15.27
N LYS A 25 11.72 3.19 -15.83
CA LYS A 25 11.50 4.18 -16.87
C LYS A 25 11.71 5.60 -16.30
N GLY A 26 11.37 5.77 -15.03
CA GLY A 26 11.55 7.04 -14.36
C GLY A 26 10.22 7.65 -13.94
N ASP A 27 9.20 6.81 -13.84
CA ASP A 27 7.84 7.27 -13.54
C ASP A 27 7.68 7.72 -12.10
N LEU A 28 8.49 7.16 -11.20
CA LEU A 28 8.35 7.41 -9.78
C LEU A 28 9.15 8.62 -9.30
N CYS A 29 10.35 8.78 -9.87
CA CYS A 29 11.28 9.81 -9.37
C CYS A 29 11.69 10.78 -10.46
N GLY A 30 10.88 10.87 -11.51
CA GLY A 30 11.15 11.78 -12.62
C GLY A 30 12.48 11.53 -13.30
N ASP A 31 13.28 12.58 -13.39
CA ASP A 31 14.56 12.54 -14.12
C ASP A 31 15.71 12.03 -13.26
N ARG A 32 15.42 11.60 -12.04
CA ARG A 32 16.44 11.04 -11.16
C ARG A 32 16.71 9.58 -11.46
N LYS A 33 17.98 9.24 -11.65
CA LYS A 33 18.36 7.87 -11.94
C LYS A 33 18.07 6.95 -10.76
N VAL A 34 17.69 5.71 -11.06
CA VAL A 34 17.36 4.77 -9.99
C VAL A 34 18.28 3.55 -10.01
N VAL A 35 18.56 3.05 -8.81
CA VAL A 35 19.21 1.76 -8.66
C VAL A 35 18.16 0.78 -8.16
N LEU A 36 17.64 -0.02 -9.08
CA LEU A 36 16.51 -0.89 -8.77
C LEU A 36 16.97 -2.11 -7.97
N HIS A 37 16.38 -2.28 -6.78
CA HIS A 37 16.63 -3.49 -5.98
C HIS A 37 15.50 -4.49 -6.19
N LEU A 38 15.87 -5.72 -6.51
CA LEU A 38 14.89 -6.78 -6.80
C LEU A 38 15.10 -8.02 -5.93
N LEU A 39 14.10 -8.35 -5.13
CA LEU A 39 14.17 -9.51 -4.26
C LEU A 39 13.18 -10.60 -4.68
N GLU A 40 13.62 -11.85 -4.63
CA GLU A 40 12.76 -13.00 -4.90
C GLU A 40 13.16 -14.16 -4.00
N ILE A 41 12.22 -15.06 -3.73
CA ILE A 41 12.55 -16.31 -3.07
C ILE A 41 13.23 -17.23 -4.09
N PRO A 42 14.08 -18.17 -3.62
CA PRO A 42 14.86 -19.06 -4.47
C PRO A 42 14.09 -19.71 -5.63
N PHE A 43 12.81 -20.00 -5.42
CA PHE A 43 11.96 -20.53 -6.49
C PHE A 43 11.80 -19.52 -7.62
N GLY A 44 11.97 -18.24 -7.30
CA GLY A 44 11.74 -17.17 -8.26
C GLY A 44 13.00 -16.57 -8.87
N MET A 45 14.16 -17.00 -8.39
CA MET A 45 15.43 -16.44 -8.86
C MET A 45 15.67 -16.65 -10.35
N LYS A 46 15.16 -17.76 -10.90
CA LYS A 46 15.32 -18.03 -12.33
C LYS A 46 14.46 -17.07 -13.14
N ALA A 47 13.23 -16.85 -12.69
CA ALA A 47 12.32 -15.91 -13.33
C ALA A 47 12.78 -14.48 -13.15
N LEU A 48 13.28 -14.17 -11.96
CA LEU A 48 13.78 -12.83 -11.67
C LEU A 48 14.92 -12.50 -12.64
N GLU A 49 15.83 -13.45 -12.82
CA GLU A 49 16.91 -13.30 -13.79
C GLU A 49 16.39 -12.97 -15.18
N GLY A 50 15.29 -13.59 -15.56
CA GLY A 50 14.69 -13.35 -16.86
C GLY A 50 14.08 -11.96 -16.93
N CYS A 51 13.42 -11.56 -15.83
CA CYS A 51 12.92 -10.21 -15.70
C CYS A 51 14.07 -9.22 -15.87
N VAL A 52 15.18 -9.47 -15.19
CA VAL A 52 16.35 -8.60 -15.28
C VAL A 52 16.87 -8.52 -16.71
N MET A 53 16.78 -9.63 -17.44
CA MET A 53 17.17 -9.62 -18.86
C MET A 53 16.28 -8.69 -19.65
N GLU A 54 14.98 -8.73 -19.38
CA GLU A 54 14.02 -7.85 -20.03
C GLU A 54 14.38 -6.39 -19.79
N LEU A 55 14.76 -6.09 -18.55
CA LEU A 55 15.09 -4.73 -18.14
C LEU A 55 16.22 -4.15 -18.98
N GLN A 56 17.23 -4.98 -19.25
CA GLN A 56 18.33 -4.57 -20.11
C GLN A 56 17.83 -4.31 -21.52
N ASP A 57 16.91 -5.17 -21.96
CA ASP A 57 16.35 -5.12 -23.30
C ASP A 57 15.42 -3.92 -23.51
N CYS A 58 15.10 -3.23 -22.41
CA CYS A 58 14.30 -2.01 -22.49
C CYS A 58 15.14 -0.78 -22.79
N ALA A 59 16.40 -0.83 -22.36
CA ALA A 59 17.38 0.23 -22.63
C ALA A 59 16.95 1.56 -22.02
N PHE A 60 16.57 1.51 -20.75
CA PHE A 60 16.19 2.72 -20.02
C PHE A 60 17.42 3.47 -19.54
N PRO A 61 17.60 4.71 -20.02
CA PRO A 61 18.73 5.52 -19.54
C PRO A 61 18.59 5.86 -18.06
N ASN A 62 17.35 5.92 -17.57
CA ASN A 62 17.10 6.30 -16.19
CA ASN A 62 17.07 6.28 -16.19
C ASN A 62 17.58 5.24 -15.18
N VAL A 63 17.92 4.06 -15.68
CA VAL A 63 18.39 2.99 -14.77
C VAL A 63 19.89 3.03 -14.53
N ALA A 64 20.27 3.46 -13.33
CA ALA A 64 21.67 3.60 -12.94
C ALA A 64 22.31 2.26 -12.61
N GLY A 65 21.51 1.34 -12.07
CA GLY A 65 22.01 0.04 -11.69
C GLY A 65 20.94 -0.94 -11.24
N ILE A 66 21.33 -2.20 -11.09
CA ILE A 66 20.40 -3.26 -10.71
C ILE A 66 20.98 -4.24 -9.70
N VAL A 67 20.35 -4.31 -8.54
CA VAL A 67 20.65 -5.34 -7.54
C VAL A 67 19.53 -6.36 -7.52
N TRP A 68 19.79 -7.58 -7.95
CA TRP A 68 18.76 -8.62 -7.91
C TRP A 68 19.27 -9.83 -7.17
N THR A 69 18.48 -10.29 -6.20
CA THR A 69 19.00 -11.24 -5.23
C THR A 69 17.91 -11.96 -4.44
N ASP A 70 18.33 -13.00 -3.73
CA ASP A 70 17.46 -13.65 -2.76
C ASP A 70 17.94 -13.36 -1.33
N LYS A 71 19.16 -12.85 -1.21
CA LYS A 71 19.72 -12.41 0.07
C LYS A 71 19.14 -11.07 0.49
N VAL A 72 18.58 -11.01 1.70
CA VAL A 72 17.86 -9.81 2.12
C VAL A 72 18.80 -8.68 2.53
N GLU A 73 20.01 -9.01 2.99
CA GLU A 73 20.98 -7.99 3.36
C GLU A 73 21.42 -7.24 2.12
N GLU A 74 21.59 -7.96 1.02
CA GLU A 74 21.99 -7.35 -0.25
C GLU A 74 20.83 -6.59 -0.88
N ALA A 75 19.63 -7.13 -0.71
CA ALA A 75 18.41 -6.54 -1.28
C ALA A 75 17.99 -5.25 -0.57
N PHE A 76 18.15 -5.22 0.75
CA PHE A 76 17.65 -4.11 1.56
C PHE A 76 18.70 -3.05 1.84
N LYS A 77 19.94 -3.28 1.44
CA LYS A 77 21.02 -2.36 1.80
C LYS A 77 20.88 -1.01 1.09
N GLY A 78 20.94 0.05 1.89
CA GLY A 78 20.97 1.42 1.39
C GLY A 78 19.77 1.94 0.63
N VAL A 79 18.65 1.22 0.70
CA VAL A 79 17.48 1.61 -0.10
C VAL A 79 16.73 2.79 0.53
N ASP A 80 16.11 3.60 -0.33
CA ASP A 80 15.35 4.76 0.12
C ASP A 80 13.86 4.48 0.08
N VAL A 81 13.46 3.52 -0.74
CA VAL A 81 12.06 3.13 -0.89
C VAL A 81 11.95 1.62 -0.95
N ALA A 82 11.03 1.05 -0.17
CA ALA A 82 10.80 -0.38 -0.20
C ALA A 82 9.35 -0.70 -0.53
N PHE A 83 9.16 -1.39 -1.67
CA PHE A 83 7.86 -1.92 -2.01
C PHE A 83 7.78 -3.36 -1.55
N LEU A 84 7.23 -3.57 -0.37
CA LEU A 84 7.08 -4.91 0.15
C LEU A 84 5.89 -5.60 -0.52
N VAL A 85 6.13 -6.10 -1.73
CA VAL A 85 5.08 -6.73 -2.53
C VAL A 85 4.92 -8.21 -2.16
N GLY A 86 6.04 -8.92 -2.09
CA GLY A 86 6.05 -10.34 -1.82
C GLY A 86 5.44 -10.70 -0.48
N SER A 87 4.88 -11.91 -0.40
CA SER A 87 4.23 -12.39 0.82
C SER A 87 3.83 -13.85 0.66
N PHE A 88 3.27 -14.43 1.72
CA PHE A 88 2.75 -15.79 1.64
C PHE A 88 1.27 -15.73 1.31
N PRO A 89 0.92 -16.19 0.09
CA PRO A 89 -0.45 -16.10 -0.42
C PRO A 89 -1.44 -16.94 0.37
N ARG A 90 -2.67 -16.47 0.51
CA ARG A 90 -3.69 -17.27 1.19
C ARG A 90 -4.04 -18.48 0.32
N LYS A 91 -3.94 -19.66 0.91
CA LYS A 91 -4.26 -20.89 0.21
C LYS A 91 -5.52 -21.50 0.79
N ASP A 92 -5.98 -22.60 0.20
CA ASP A 92 -7.15 -23.29 0.69
C ASP A 92 -6.83 -24.05 1.98
N GLY A 93 -7.81 -24.14 2.87
CA GLY A 93 -7.62 -24.81 4.15
C GLY A 93 -6.71 -24.02 5.08
N MET A 94 -6.54 -22.74 4.79
CA MET A 94 -5.70 -21.87 5.61
C MET A 94 -6.51 -20.91 6.48
N ASP A 95 -6.27 -20.98 7.79
CA ASP A 95 -6.83 -20.02 8.72
C ASP A 95 -6.20 -18.65 8.50
N ARG A 96 -6.78 -17.62 9.11
CA ARG A 96 -6.15 -16.30 9.10
C ARG A 96 -4.87 -16.38 9.92
N SER A 97 -4.91 -17.17 10.98
CA SER A 97 -3.75 -17.38 11.84
C SER A 97 -2.66 -18.18 11.12
N ASP A 98 -3.08 -19.02 10.18
CA ASP A 98 -2.13 -19.68 9.28
C ASP A 98 -1.49 -18.65 8.35
N LEU A 99 -2.31 -17.73 7.86
CA LEU A 99 -1.85 -16.64 7.00
C LEU A 99 -0.92 -15.70 7.77
N LEU A 100 -1.33 -15.34 8.98
CA LEU A 100 -0.57 -14.39 9.79
C LEU A 100 0.73 -15.01 10.30
N ALA A 101 0.73 -16.34 10.49
CA ALA A 101 1.92 -17.03 10.93
C ALA A 101 3.00 -16.96 9.85
N LYS A 102 2.63 -17.34 8.62
CA LYS A 102 3.57 -17.38 7.51
C LYS A 102 4.07 -16.00 7.13
N ASN A 103 3.16 -15.04 7.05
CA ASN A 103 3.53 -13.68 6.68
C ASN A 103 4.28 -12.98 7.81
N GLY A 104 3.97 -13.36 9.04
CA GLY A 104 4.67 -12.86 10.21
C GLY A 104 6.16 -13.12 10.12
N GLY A 105 6.53 -14.35 9.77
CA GLY A 105 7.93 -14.70 9.63
C GLY A 105 8.61 -13.93 8.52
N ILE A 106 7.92 -13.80 7.39
CA ILE A 106 8.44 -13.02 6.27
C ILE A 106 8.69 -11.56 6.65
N PHE A 107 7.71 -10.92 7.28
CA PHE A 107 7.80 -9.50 7.53
C PHE A 107 8.55 -9.11 8.82
N THR A 108 8.77 -10.06 9.71
CA THR A 108 9.59 -9.77 10.88
C THR A 108 11.05 -9.72 10.41
N VAL A 109 11.36 -10.59 9.46
CA VAL A 109 12.67 -10.66 8.84
C VAL A 109 12.95 -9.39 8.03
N GLN A 110 11.97 -8.99 7.21
CA GLN A 110 12.10 -7.81 6.36
C GLN A 110 12.03 -6.51 7.16
N GLY A 111 11.26 -6.52 8.24
CA GLY A 111 11.16 -5.37 9.12
C GLY A 111 12.52 -5.09 9.74
N LYS A 112 13.21 -6.15 10.14
CA LYS A 112 14.54 -6.02 10.73
C LYS A 112 15.60 -5.80 9.64
N ALA A 113 15.38 -6.37 8.46
CA ALA A 113 16.27 -6.15 7.33
C ALA A 113 16.34 -4.66 6.98
N LEU A 114 15.16 -4.03 6.89
CA LEU A 114 15.05 -2.59 6.71
C LEU A 114 15.80 -1.86 7.81
N ASN A 115 15.53 -2.25 9.05
CA ASN A 115 16.12 -1.60 10.22
C ASN A 115 17.64 -1.58 10.21
N ASP A 116 18.25 -2.72 9.94
CA ASP A 116 19.69 -2.85 9.96
C ASP A 116 20.34 -2.29 8.69
N TYR A 117 19.79 -2.66 7.54
CA TYR A 117 20.47 -2.42 6.27
C TYR A 117 19.99 -1.17 5.52
N ALA A 118 18.68 -0.92 5.54
CA ALA A 118 18.14 0.21 4.79
C ALA A 118 18.51 1.53 5.44
N LYS A 119 18.33 2.62 4.70
CA LYS A 119 18.53 3.96 5.23
C LYS A 119 17.54 4.23 6.36
N PRO A 120 17.93 5.05 7.33
CA PRO A 120 17.02 5.39 8.45
C PRO A 120 15.84 6.20 7.97
N THR A 121 15.96 6.72 6.75
CA THR A 121 15.01 7.67 6.20
C THR A 121 14.16 7.01 5.11
N VAL A 122 14.20 5.68 5.08
CA VAL A 122 13.52 4.88 4.06
C VAL A 122 12.00 5.00 4.16
N LYS A 123 11.32 4.82 3.03
CA LYS A 123 9.87 4.79 3.01
C LYS A 123 9.36 3.42 2.56
N VAL A 124 8.62 2.76 3.44
CA VAL A 124 8.18 1.39 3.22
C VAL A 124 6.70 1.32 2.89
N LEU A 125 6.38 0.85 1.69
CA LEU A 125 5.00 0.61 1.32
C LEU A 125 4.70 -0.89 1.24
N VAL A 126 3.89 -1.37 2.18
CA VAL A 126 3.52 -2.78 2.23
C VAL A 126 2.30 -3.06 1.35
N VAL A 127 2.45 -4.00 0.43
CA VAL A 127 1.41 -4.33 -0.53
C VAL A 127 0.85 -5.72 -0.28
N GLY A 128 1.73 -6.67 0.02
CA GLY A 128 1.35 -8.04 0.29
C GLY A 128 0.35 -8.17 1.42
N ASN A 129 -0.65 -9.02 1.21
CA ASN A 129 -1.72 -9.23 2.18
C ASN A 129 -1.27 -10.10 3.34
N PRO A 130 -1.73 -9.78 4.56
CA PRO A 130 -2.55 -8.62 4.90
C PRO A 130 -1.69 -7.37 5.16
N ALA A 131 -1.74 -6.42 4.23
CA ALA A 131 -0.90 -5.23 4.23
C ALA A 131 -0.79 -4.51 5.57
N ASN A 132 -1.91 -4.08 6.12
CA ASN A 132 -1.92 -3.33 7.37
C ASN A 132 -1.24 -4.10 8.49
N THR A 133 -1.64 -5.36 8.68
CA THR A 133 -1.08 -6.16 9.77
C THR A 133 0.36 -6.56 9.48
N ASN A 134 0.66 -6.87 8.22
CA ASN A 134 2.04 -7.13 7.80
C ASN A 134 2.95 -5.94 8.10
N CYS A 135 2.48 -4.75 7.73
CA CYS A 135 3.23 -3.53 7.99
C CYS A 135 3.48 -3.36 9.48
N LEU A 136 2.52 -3.80 10.30
CA LEU A 136 2.66 -3.71 11.75
C LEU A 136 3.71 -4.68 12.29
N ILE A 137 3.85 -5.83 11.60
CA ILE A 137 4.85 -6.82 11.98
C ILE A 137 6.24 -6.26 11.69
N ALA A 138 6.40 -5.70 10.50
CA ALA A 138 7.67 -5.14 10.07
C ALA A 138 8.06 -3.99 10.99
N GLN A 139 7.13 -3.09 11.23
CA GLN A 139 7.37 -1.94 12.10
C GLN A 139 7.85 -2.37 13.49
N ALA A 140 7.25 -3.43 14.01
CA ALA A 140 7.53 -3.91 15.37
C ALA A 140 8.85 -4.66 15.45
N SER A 141 9.46 -4.90 14.29
CA SER A 141 10.73 -5.60 14.23
C SER A 141 11.88 -4.60 14.02
N ALA A 142 11.53 -3.36 13.74
CA ALA A 142 12.52 -2.32 13.45
C ALA A 142 12.56 -1.25 14.54
N PRO A 143 13.43 -1.44 15.55
CA PRO A 143 13.49 -0.54 16.71
C PRO A 143 14.09 0.83 16.42
N LYS A 144 14.90 0.94 15.37
CA LYS A 144 15.56 2.20 15.02
C LYS A 144 14.63 3.11 14.23
N LEU A 145 13.72 2.51 13.48
CA LEU A 145 12.82 3.24 12.60
C LEU A 145 11.62 3.84 13.33
N GLN A 146 11.29 5.09 13.02
CA GLN A 146 10.07 5.72 13.52
C GLN A 146 8.89 5.19 12.72
N ASN A 147 7.73 5.81 12.88
CA ASN A 147 6.55 5.30 12.17
C ASN A 147 6.24 6.12 10.92
N LYS A 148 7.06 7.11 10.64
CA LYS A 148 6.96 7.88 9.40
C LYS A 148 7.53 7.07 8.24
N ASN A 149 8.25 5.99 8.58
CA ASN A 149 8.88 5.12 7.60
C ASN A 149 7.88 4.17 6.95
N TRP A 150 6.72 4.04 7.57
CA TRP A 150 5.81 2.95 7.23
C TRP A 150 4.50 3.40 6.61
N CYS A 151 3.99 2.55 5.70
CA CYS A 151 2.69 2.74 5.07
C CYS A 151 2.23 1.44 4.44
N ALA A 152 0.95 1.12 4.59
CA ALA A 152 0.34 0.04 3.84
C ALA A 152 -0.50 0.64 2.73
N MET A 153 -0.68 -0.08 1.62
CA MET A 153 -1.35 0.52 0.46
C MET A 153 -2.87 0.37 0.47
N THR A 154 -3.55 1.52 0.37
CA THR A 154 -5.00 1.54 0.14
C THR A 154 -5.31 2.41 -1.08
N ARG A 155 -4.27 2.73 -1.83
CA ARG A 155 -4.41 3.61 -2.98
C ARG A 155 -5.18 2.96 -4.14
N LEU A 156 -5.16 1.64 -4.23
CA LEU A 156 -5.87 0.95 -5.31
C LEU A 156 -7.38 1.16 -5.19
N ASP A 157 -7.94 0.81 -4.02
CA ASP A 157 -9.34 1.10 -3.73
C ASP A 157 -9.64 2.60 -3.82
N HIS A 158 -8.64 3.42 -3.46
CA HIS A 158 -8.76 4.87 -3.60
C HIS A 158 -9.00 5.25 -5.07
N ASN A 159 -8.11 4.79 -5.96
CA ASN A 159 -8.23 5.08 -7.39
C ASN A 159 -9.42 4.38 -8.03
N ARG A 160 -9.79 3.22 -7.50
CA ARG A 160 -10.99 2.52 -7.94
C ARG A 160 -12.23 3.38 -7.70
N MET A 161 -12.18 4.21 -6.64
CA MET A 161 -13.25 5.15 -6.35
C MET A 161 -13.22 6.34 -7.31
N VAL A 162 -12.05 6.93 -7.48
CA VAL A 162 -11.88 8.02 -8.44
C VAL A 162 -12.33 7.60 -9.84
N GLY A 163 -11.83 6.47 -10.30
CA GLY A 163 -12.19 5.93 -11.60
C GLY A 163 -13.68 5.67 -11.77
N ALA A 164 -14.30 5.11 -10.74
CA ALA A 164 -15.73 4.77 -10.79
C ALA A 164 -16.61 6.02 -10.77
N LEU A 165 -16.21 7.02 -9.97
CA LEU A 165 -16.94 8.28 -9.89
C LEU A 165 -16.71 9.12 -11.13
N ALA A 166 -15.54 8.96 -11.74
CA ALA A 166 -15.23 9.65 -12.98
C ALA A 166 -16.21 9.22 -14.05
N ALA A 167 -16.37 7.90 -14.18
CA ALA A 167 -17.22 7.31 -15.22
C ALA A 167 -18.71 7.54 -14.98
N LYS A 168 -19.11 7.60 -13.71
CA LYS A 168 -20.50 7.86 -13.34
C LYS A 168 -20.92 9.26 -13.77
N PHE A 169 -20.07 10.25 -13.50
CA PHE A 169 -20.36 11.64 -13.85
C PHE A 169 -19.97 11.95 -15.29
N GLY A 170 -19.33 11.00 -15.97
CA GLY A 170 -18.91 11.19 -17.35
C GLY A 170 -17.78 12.19 -17.49
N VAL A 171 -16.93 12.25 -16.47
CA VAL A 171 -15.83 13.19 -16.43
C VAL A 171 -14.49 12.44 -16.41
N THR A 172 -13.45 13.11 -16.90
CA THR A 172 -12.09 12.58 -16.78
C THR A 172 -11.68 12.53 -15.30
N PRO A 173 -10.96 11.46 -14.90
CA PRO A 173 -10.60 11.21 -13.49
C PRO A 173 -9.82 12.36 -12.82
N GLU A 174 -9.20 13.23 -13.62
CA GLU A 174 -8.54 14.42 -13.10
C GLU A 174 -9.51 15.33 -12.34
N LYS A 175 -10.81 15.15 -12.57
CA LYS A 175 -11.83 16.05 -12.03
C LYS A 175 -12.72 15.40 -10.98
N ILE A 176 -12.17 14.41 -10.26
CA ILE A 176 -12.80 13.85 -9.06
C ILE A 176 -11.81 14.07 -7.92
N HIS A 177 -12.29 14.66 -6.82
CA HIS A 177 -11.40 15.01 -5.72
C HIS A 177 -11.93 14.51 -4.37
N LYS A 178 -11.03 14.46 -3.39
CA LYS A 178 -11.38 14.26 -1.98
C LYS A 178 -12.15 12.97 -1.67
N VAL A 179 -11.76 11.88 -2.32
CA VAL A 179 -12.24 10.57 -1.92
C VAL A 179 -11.21 9.99 -0.95
N CYS A 180 -11.59 8.96 -0.21
CA CYS A 180 -10.64 8.29 0.66
C CYS A 180 -11.11 6.92 1.11
N ILE A 181 -10.15 6.05 1.41
CA ILE A 181 -10.41 4.78 2.04
C ILE A 181 -9.98 4.86 3.51
N TRP A 182 -10.84 4.41 4.42
CA TRP A 182 -10.50 4.31 5.85
C TRP A 182 -10.20 2.88 6.28
N GLY A 183 -9.30 2.73 7.25
CA GLY A 183 -9.12 1.46 7.94
C GLY A 183 -8.22 0.42 7.29
N ASN A 184 -8.72 -0.82 7.26
CA ASN A 184 -7.98 -1.93 6.69
C ASN A 184 -8.00 -1.89 5.16
N HIS A 185 -6.98 -2.47 4.52
CA HIS A 185 -6.86 -2.37 3.07
C HIS A 185 -7.94 -3.19 2.36
N SER A 186 -8.52 -4.16 3.08
CA SER A 186 -9.58 -4.97 2.50
C SER A 186 -10.56 -5.46 3.57
N ASN A 187 -11.62 -6.14 3.11
CA ASN A 187 -12.69 -6.71 3.95
C ASN A 187 -13.57 -5.66 4.60
N THR A 188 -12.93 -4.66 5.21
CA THR A 188 -13.67 -3.64 5.95
C THR A 188 -13.24 -2.22 5.58
N GLN A 189 -12.59 -2.05 4.44
CA GLN A 189 -12.18 -0.70 4.01
C GLN A 189 -13.42 0.16 3.80
N VAL A 190 -13.31 1.44 4.16
CA VAL A 190 -14.46 2.33 4.10
C VAL A 190 -14.37 3.29 2.90
N PRO A 191 -15.14 3.01 1.84
CA PRO A 191 -15.21 3.93 0.71
C PRO A 191 -16.00 5.18 1.09
N ASP A 192 -15.29 6.25 1.43
CA ASP A 192 -15.92 7.47 1.92
C ASP A 192 -16.10 8.50 0.80
N THR A 193 -17.35 8.77 0.45
CA THR A 193 -17.68 9.67 -0.65
C THR A 193 -18.48 10.86 -0.18
N THR A 194 -18.30 11.25 1.08
CA THR A 194 -19.11 12.33 1.65
C THR A 194 -18.36 13.66 1.63
N HIS A 195 -17.10 13.63 1.20
CA HIS A 195 -16.31 14.84 1.06
C HIS A 195 -15.91 15.04 -0.39
N ALA A 196 -16.35 14.11 -1.24
CA ALA A 196 -15.92 14.09 -2.63
C ALA A 196 -16.59 15.17 -3.49
N THR A 197 -15.84 15.66 -4.47
CA THR A 197 -16.31 16.67 -5.41
C THR A 197 -16.03 16.27 -6.85
N VAL A 198 -16.70 16.93 -7.80
CA VAL A 198 -16.52 16.65 -9.22
C VAL A 198 -16.67 17.93 -10.05
N ASP A 199 -15.72 18.18 -10.94
CA ASP A 199 -15.73 19.39 -11.76
C ASP A 199 -16.67 19.26 -12.96
N THR A 204 -18.25 22.93 -10.12
CA THR A 204 -17.84 21.92 -9.14
C THR A 204 -18.91 21.71 -8.07
N VAL A 205 -19.59 20.57 -8.13
CA VAL A 205 -20.59 20.20 -7.13
C VAL A 205 -20.10 19.00 -6.32
N LYS A 206 -20.48 18.95 -5.05
CA LYS A 206 -20.09 17.83 -4.19
C LYS A 206 -20.81 16.55 -4.57
N VAL A 207 -20.03 15.51 -4.84
CA VAL A 207 -20.54 14.18 -5.19
C VAL A 207 -21.66 13.74 -4.24
N ALA A 208 -21.49 14.05 -2.96
CA ALA A 208 -22.45 13.69 -1.93
C ALA A 208 -23.89 14.14 -2.23
N ASP A 209 -24.08 15.42 -2.54
CA ASP A 209 -25.43 15.91 -2.84
C ASP A 209 -25.74 15.93 -4.33
N LYS A 210 -25.28 14.89 -5.04
CA LYS A 210 -25.57 14.72 -6.46
C LYS A 210 -25.93 13.26 -6.76
N LEU A 211 -25.39 12.36 -5.93
CA LEU A 211 -25.76 10.94 -5.99
C LEU A 211 -26.42 10.50 -4.68
N PRO A 212 -27.34 9.51 -4.77
CA PRO A 212 -28.09 9.03 -3.61
C PRO A 212 -27.22 8.44 -2.50
N LYS A 213 -27.67 8.60 -1.26
CA LYS A 213 -26.95 8.09 -0.10
C LYS A 213 -26.95 6.56 -0.08
N GLU A 214 -28.04 5.96 -0.56
CA GLU A 214 -28.14 4.51 -0.61
C GLU A 214 -27.15 3.95 -1.63
N TYR A 215 -26.92 4.69 -2.69
CA TYR A 215 -25.97 4.28 -3.72
C TYR A 215 -24.54 4.36 -3.21
N LEU A 216 -24.09 5.57 -2.89
CA LEU A 216 -22.72 5.84 -2.46
C LEU A 216 -22.31 4.99 -1.26
N GLU A 217 -23.25 4.82 -0.34
CA GLU A 217 -22.98 4.11 0.90
C GLU A 217 -23.71 2.77 0.92
N GLY A 218 -23.79 2.14 -0.24
CA GLY A 218 -24.41 0.83 -0.36
C GLY A 218 -23.88 0.10 -1.56
N GLU A 219 -24.54 0.27 -2.70
CA GLU A 219 -24.12 -0.35 -3.96
C GLU A 219 -22.71 0.06 -4.36
N PHE A 220 -22.44 1.37 -4.32
CA PHE A 220 -21.12 1.90 -4.66
C PHE A 220 -20.04 1.35 -3.73
N ALA A 221 -20.31 1.45 -2.43
CA ALA A 221 -19.39 0.96 -1.40
C ALA A 221 -19.10 -0.52 -1.60
N GLN A 222 -20.14 -1.29 -1.92
CA GLN A 222 -20.03 -2.73 -2.05
C GLN A 222 -19.29 -3.12 -3.31
N MET A 223 -19.35 -2.25 -4.31
CA MET A 223 -18.61 -2.46 -5.55
C MET A 223 -17.12 -2.25 -5.31
N ILE A 224 -16.79 -1.25 -4.50
CA ILE A 224 -15.41 -0.96 -4.15
C ILE A 224 -14.82 -2.14 -3.40
N ALA A 225 -15.55 -2.60 -2.39
CA ALA A 225 -15.13 -3.70 -1.56
C ALA A 225 -14.87 -4.98 -2.35
N THR A 226 -15.64 -5.19 -3.42
CA THR A 226 -15.53 -6.42 -4.20
C THR A 226 -14.81 -6.25 -5.54
N ARG A 227 -14.32 -5.04 -5.80
CA ARG A 227 -13.67 -4.76 -7.08
C ARG A 227 -12.47 -5.67 -7.36
N GLY A 228 -11.67 -5.91 -6.33
CA GLY A 228 -10.46 -6.71 -6.48
C GLY A 228 -10.77 -8.11 -6.97
N GLY A 229 -11.80 -8.71 -6.39
CA GLY A 229 -12.21 -10.06 -6.76
C GLY A 229 -12.87 -10.08 -8.11
N ALA A 230 -13.65 -9.05 -8.41
CA ALA A 230 -14.30 -8.93 -9.71
C ALA A 230 -13.29 -8.96 -10.86
N VAL A 231 -12.26 -8.13 -10.76
CA VAL A 231 -11.18 -8.10 -11.74
C VAL A 231 -10.53 -9.47 -11.90
N ILE A 232 -10.20 -10.09 -10.76
CA ILE A 232 -9.60 -11.42 -10.76
C ILE A 232 -10.50 -12.44 -11.49
N LYS A 233 -11.80 -12.38 -11.24
CA LYS A 233 -12.73 -13.34 -11.86
C LYS A 233 -12.77 -13.19 -13.38
N MET A 234 -12.68 -11.95 -13.85
CA MET A 234 -12.69 -11.67 -15.29
C MET A 234 -11.36 -12.06 -15.94
N ARG A 235 -10.26 -11.58 -15.37
CA ARG A 235 -8.95 -11.75 -16.00
C ARG A 235 -8.35 -13.12 -15.72
N GLY A 236 -8.78 -13.75 -14.64
CA GLY A 236 -8.15 -14.97 -14.18
C GLY A 236 -6.77 -14.68 -13.63
N ALA A 237 -6.57 -13.44 -13.19
CA ALA A 237 -5.27 -13.01 -12.68
C ALA A 237 -5.40 -11.80 -11.75
N SER A 238 -4.36 -11.58 -10.95
CA SER A 238 -4.33 -10.48 -9.99
C SER A 238 -4.38 -9.15 -10.70
N SER A 239 -4.97 -8.14 -10.06
CA SER A 239 -5.08 -6.80 -10.62
C SER A 239 -3.71 -6.13 -10.73
N ALA A 240 -2.83 -6.70 -11.56
CA ALA A 240 -1.41 -6.34 -11.61
C ALA A 240 -1.08 -4.88 -11.94
N ALA A 241 -1.49 -4.43 -13.12
CA ALA A 241 -1.15 -3.08 -13.59
C ALA A 241 -1.76 -1.96 -12.72
N SER A 242 -3.03 -2.12 -12.35
CA SER A 242 -3.73 -1.12 -11.55
C SER A 242 -3.11 -1.00 -10.16
N ALA A 243 -2.76 -2.13 -9.56
CA ALA A 243 -2.10 -2.16 -8.27
C ALA A 243 -0.72 -1.50 -8.34
N ALA A 244 0.08 -1.93 -9.31
CA ALA A 244 1.41 -1.37 -9.53
C ALA A 244 1.34 0.14 -9.71
N ASN A 245 0.29 0.59 -10.39
CA ASN A 245 0.00 2.00 -10.54
C ASN A 245 -0.42 2.63 -9.22
N ALA A 246 -1.18 1.88 -8.43
CA ALA A 246 -1.65 2.37 -7.14
C ALA A 246 -0.46 2.62 -6.22
N ALA A 247 0.43 1.63 -6.14
CA ALA A 247 1.60 1.69 -5.28
C ALA A 247 2.58 2.79 -5.72
N LEU A 248 2.76 2.91 -7.03
CA LEU A 248 3.72 3.86 -7.58
C LEU A 248 3.29 5.29 -7.28
N THR A 249 2.01 5.57 -7.46
CA THR A 249 1.46 6.90 -7.21
C THR A 249 1.33 7.17 -5.72
N CYS A 250 1.08 6.13 -4.92
CA CYS A 250 1.03 6.28 -3.47
C CYS A 250 2.37 6.79 -2.97
N VAL A 251 3.44 6.18 -3.46
CA VAL A 251 4.78 6.54 -3.06
C VAL A 251 5.20 7.85 -3.75
N LYS A 252 4.69 8.05 -4.97
CA LYS A 252 4.91 9.30 -5.69
C LYS A 252 4.51 10.49 -4.83
N ASP A 253 3.25 10.50 -4.41
CA ASP A 253 2.73 11.55 -3.52
C ASP A 253 3.45 11.52 -2.18
N TRP A 254 3.76 10.32 -1.69
CA TRP A 254 4.46 10.17 -0.41
C TRP A 254 5.80 10.91 -0.45
N LEU A 255 6.43 10.93 -1.62
CA LEU A 255 7.74 11.57 -1.78
C LEU A 255 7.65 13.05 -2.11
N TYR A 256 6.66 13.45 -2.90
CA TYR A 256 6.66 14.81 -3.46
C TYR A 256 5.42 15.63 -3.15
N GLY A 257 4.50 15.07 -2.37
CA GLY A 257 3.33 15.81 -1.92
C GLY A 257 2.08 15.63 -2.75
N THR A 258 1.06 16.42 -2.45
CA THR A 258 -0.24 16.31 -3.13
C THR A 258 -0.60 17.63 -3.82
N ASP A 262 -6.31 18.11 -3.43
CA ASP A 262 -7.11 17.44 -2.41
C ASP A 262 -6.24 16.52 -1.56
N PHE A 263 -6.76 15.34 -1.21
CA PHE A 263 -6.01 14.39 -0.38
C PHE A 263 -6.04 12.96 -0.93
N VAL A 264 -5.15 12.12 -0.41
CA VAL A 264 -5.09 10.72 -0.83
C VAL A 264 -5.25 9.77 0.36
N SER A 265 -5.37 8.48 0.07
CA SER A 265 -5.51 7.49 1.11
C SER A 265 -4.19 6.77 1.38
N MET A 266 -3.83 6.70 2.65
CA MET A 266 -2.62 6.02 3.10
C MET A 266 -2.86 5.31 4.43
N ALA A 267 -2.53 4.03 4.50
CA ALA A 267 -2.61 3.28 5.74
C ALA A 267 -1.34 3.49 6.55
N ILE A 268 -1.41 4.40 7.52
CA ILE A 268 -0.23 4.78 8.28
C ILE A 268 -0.39 4.40 9.75
N PRO A 269 0.73 4.28 10.47
CA PRO A 269 0.64 4.06 11.92
C PRO A 269 -0.14 5.18 12.57
N VAL A 270 -1.19 4.85 13.32
CA VAL A 270 -2.02 5.88 13.93
C VAL A 270 -1.18 6.82 14.76
N PRO A 271 -1.25 8.12 14.44
CA PRO A 271 -0.52 9.17 15.17
C PRO A 271 -0.91 9.22 16.64
N ASP A 272 -0.07 9.85 17.46
CA ASP A 272 -0.35 9.99 18.88
C ASP A 272 -1.62 10.81 19.10
N ASN A 273 -1.91 11.70 18.15
CA ASN A 273 -3.12 12.51 18.16
C ASN A 273 -4.40 11.66 18.14
N GLU A 274 -4.31 10.47 17.54
CA GLU A 274 -5.45 9.57 17.39
C GLU A 274 -6.66 10.27 16.79
N PRO A 275 -6.57 10.68 15.52
CA PRO A 275 -7.68 11.41 14.90
C PRO A 275 -8.95 10.56 14.87
N TYR A 276 -10.11 11.20 14.98
CA TYR A 276 -11.40 10.53 14.89
C TYR A 276 -11.58 9.40 15.91
N GLY A 277 -10.80 9.46 17.00
CA GLY A 277 -10.89 8.46 18.05
C GLY A 277 -10.38 7.09 17.63
N ILE A 278 -9.66 7.04 16.52
CA ILE A 278 -9.05 5.80 16.07
C ILE A 278 -7.85 5.51 16.97
N LYS A 279 -7.96 4.44 17.75
CA LYS A 279 -6.97 4.10 18.76
C LYS A 279 -5.62 3.75 18.13
N GLN A 280 -4.56 4.26 18.76
CA GLN A 280 -3.20 4.00 18.32
C GLN A 280 -2.89 2.51 18.47
N GLY A 281 -1.92 2.01 17.72
CA GLY A 281 -1.53 0.62 17.83
C GLY A 281 -1.89 -0.25 16.65
N THR A 282 -2.46 0.35 15.61
CA THR A 282 -2.67 -0.35 14.35
C THR A 282 -2.19 0.50 13.18
N ILE A 283 -2.05 -0.13 12.01
CA ILE A 283 -1.81 0.59 10.77
C ILE A 283 -3.16 0.89 10.11
N PHE A 284 -3.58 2.15 10.19
CA PHE A 284 -4.94 2.57 9.83
C PHE A 284 -4.92 3.51 8.62
N SER A 285 -5.85 3.31 7.69
CA SER A 285 -5.91 4.15 6.49
C SER A 285 -6.68 5.44 6.77
N PHE A 286 -6.07 6.57 6.42
CA PHE A 286 -6.68 7.88 6.62
C PHE A 286 -6.73 8.70 5.33
N PRO A 287 -7.65 9.66 5.26
CA PRO A 287 -7.51 10.71 4.25
C PRO A 287 -6.35 11.61 4.65
N VAL A 288 -5.30 11.64 3.82
CA VAL A 288 -4.11 12.38 4.18
C VAL A 288 -3.67 13.34 3.09
N THR A 289 -3.16 14.48 3.51
CA THR A 289 -2.40 15.36 2.63
C THR A 289 -0.93 15.00 2.81
N VAL A 290 -0.08 15.35 1.84
CA VAL A 290 1.36 15.14 2.00
C VAL A 290 2.09 16.41 1.58
N SER A 291 3.00 16.90 2.43
CA SER A 291 3.73 18.12 2.12
C SER A 291 4.79 17.87 1.07
N LYS A 292 5.37 18.95 0.55
CA LYS A 292 6.38 18.83 -0.50
C LYS A 292 7.68 18.24 0.04
N ASP A 293 7.84 18.24 1.35
CA ASP A 293 8.99 17.60 1.99
C ASP A 293 8.72 16.12 2.24
N GLY A 294 7.57 15.65 1.76
CA GLY A 294 7.20 14.26 1.90
C GLY A 294 6.65 13.93 3.27
N GLU A 295 6.19 14.95 3.98
CA GLU A 295 5.61 14.75 5.32
C GLU A 295 4.11 14.47 5.23
N VAL A 296 3.70 13.32 5.75
CA VAL A 296 2.30 12.92 5.72
C VAL A 296 1.50 13.59 6.85
N HIS A 297 0.33 14.12 6.52
CA HIS A 297 -0.55 14.71 7.52
C HIS A 297 -1.99 14.22 7.34
N VAL A 298 -2.54 13.65 8.40
CA VAL A 298 -3.93 13.20 8.41
C VAL A 298 -4.89 14.39 8.33
N VAL A 299 -5.83 14.34 7.39
CA VAL A 299 -6.90 15.33 7.32
C VAL A 299 -7.79 15.17 8.56
N GLU A 300 -7.70 16.11 9.49
CA GLU A 300 -8.22 15.91 10.85
C GLU A 300 -9.65 16.39 11.12
N GLY A 301 -10.09 17.45 10.44
CA GLY A 301 -11.38 18.04 10.76
C GLY A 301 -12.45 17.77 9.71
N LEU A 302 -13.04 16.58 9.76
CA LEU A 302 -14.07 16.20 8.79
C LEU A 302 -15.39 15.83 9.47
N GLU A 303 -16.48 15.96 8.73
CA GLU A 303 -17.80 15.57 9.22
C GLU A 303 -18.13 14.14 8.80
N LEU A 304 -18.14 13.22 9.76
CA LEU A 304 -18.44 11.82 9.47
C LEU A 304 -19.86 11.49 9.89
N ASN A 305 -20.64 10.93 8.97
CA ASN A 305 -22.00 10.51 9.28
C ASN A 305 -22.01 9.18 10.03
N ASP A 306 -23.21 8.73 10.40
CA ASP A 306 -23.37 7.52 11.20
C ASP A 306 -22.94 6.28 10.42
N TRP A 307 -22.93 6.38 9.10
CA TRP A 307 -22.46 5.27 8.28
C TRP A 307 -20.93 5.18 8.36
N VAL A 308 -20.27 6.30 8.09
CA VAL A 308 -18.81 6.34 8.11
C VAL A 308 -18.25 5.92 9.46
N LYS A 309 -18.80 6.49 10.54
CA LYS A 309 -18.36 6.18 11.89
C LYS A 309 -18.56 4.70 12.24
N GLY A 310 -19.72 4.16 11.90
CA GLY A 310 -20.01 2.75 12.18
C GLY A 310 -19.10 1.83 11.39
N ARG A 311 -18.69 2.30 10.22
CA ARG A 311 -17.76 1.56 9.35
C ARG A 311 -16.33 1.62 9.88
N LEU A 312 -16.03 2.67 10.65
CA LEU A 312 -14.71 2.83 11.25
C LEU A 312 -14.52 1.91 12.44
N GLU A 313 -15.59 1.69 13.19
CA GLU A 313 -15.55 0.78 14.32
C GLU A 313 -15.39 -0.63 13.79
N ALA A 314 -16.03 -0.92 12.67
CA ALA A 314 -15.96 -2.23 12.07
C ALA A 314 -14.56 -2.57 11.56
N THR A 315 -13.86 -1.56 11.02
CA THR A 315 -12.56 -1.80 10.43
C THR A 315 -11.44 -1.76 11.48
N GLU A 316 -11.58 -0.89 12.48
CA GLU A 316 -10.61 -0.86 13.57
C GLU A 316 -10.70 -2.12 14.40
N LYS A 317 -11.92 -2.60 14.60
CA LYS A 317 -12.18 -3.86 15.29
C LYS A 317 -11.45 -5.01 14.60
N GLU A 318 -11.40 -4.96 13.27
CA GLU A 318 -10.74 -5.99 12.49
C GLU A 318 -9.23 -5.89 12.59
N LEU A 319 -8.72 -4.66 12.56
CA LEU A 319 -7.30 -4.42 12.66
C LEU A 319 -6.75 -4.86 14.01
N ILE A 320 -7.41 -4.42 15.07
CA ILE A 320 -7.02 -4.78 16.43
C ILE A 320 -7.15 -6.30 16.66
N GLY A 321 -8.18 -6.89 16.06
CA GLY A 321 -8.40 -8.32 16.20
C GLY A 321 -7.34 -9.13 15.48
N GLU A 322 -6.97 -8.65 14.30
CA GLU A 322 -5.99 -9.32 13.44
C GLU A 322 -4.59 -9.22 14.05
N LYS A 323 -4.27 -8.07 14.64
CA LYS A 323 -2.95 -7.88 15.24
C LYS A 323 -2.83 -8.73 16.50
N GLU A 324 -3.95 -8.98 17.16
CA GLU A 324 -3.99 -9.81 18.35
C GLU A 324 -3.73 -11.27 17.99
N THR A 325 -4.12 -11.65 16.78
CA THR A 325 -3.88 -13.00 16.27
C THR A 325 -2.42 -13.16 15.83
N ALA A 326 -1.87 -12.08 15.28
CA ALA A 326 -0.46 -12.06 14.88
C ALA A 326 0.43 -12.27 16.09
N TRP A 327 0.11 -11.59 17.20
CA TRP A 327 0.91 -11.76 18.41
C TRP A 327 0.75 -13.17 18.95
N LYS A 328 -0.46 -13.70 18.82
CA LYS A 328 -0.78 -15.05 19.27
C LYS A 328 0.07 -16.13 18.58
N VAL A 329 0.16 -16.08 17.25
CA VAL A 329 0.91 -17.11 16.51
C VAL A 329 2.38 -16.75 16.34
N LEU A 330 2.77 -15.58 16.84
CA LEU A 330 4.17 -15.19 16.83
C LEU A 330 4.78 -15.41 18.21
N GLY A 331 3.95 -15.86 19.13
CA GLY A 331 4.38 -16.14 20.49
C GLY A 331 4.96 -14.92 21.17
N LEU A 332 4.25 -13.80 21.09
CA LEU A 332 4.76 -12.52 21.58
C LEU A 332 4.18 -12.13 22.93
N LEU A 333 4.94 -11.33 23.67
CA LEU A 333 4.52 -10.84 24.98
C LEU A 333 4.19 -9.35 24.92
N GLU A 334 3.75 -8.79 26.03
CA GLU A 334 3.33 -7.39 26.10
C GLU A 334 4.41 -6.43 25.57
N HIS A 335 5.66 -6.65 25.98
CA HIS A 335 6.76 -5.77 25.60
C HIS A 335 7.24 -5.99 24.17
N HIS A 336 6.49 -6.74 23.37
CA HIS A 336 6.84 -6.97 21.97
C HIS A 336 5.94 -6.19 21.00
#